data_2GOJ
#
_entry.id   2GOJ
#
_cell.length_a   55.402
_cell.length_b   78.417
_cell.length_c   88.369
_cell.angle_alpha   90.00
_cell.angle_beta   90.00
_cell.angle_gamma   90.00
#
_symmetry.space_group_name_H-M   'P 21 21 21'
#
loop_
_entity.id
_entity.type
_entity.pdbx_description
1 polymer 'Fe-superoxide dismutase'
2 non-polymer 'FE (II) ION'
3 water water
#
_entity_poly.entity_id   1
_entity_poly.type   'polypeptide(L)'
_entity_poly.pdbx_seq_one_letter_code
;VITLPKLKYALNALSPHISEETLNFHYNKHHAGYVNKLNTLIKDTPFAEKSLLDIVKESSGAIFNNAAQIWNHTFYWDSM
GPDCGGEPHGEIKEKIQEDFGSFNNFKEQFSNILCGHFGSGWGWLALNNNNKLVILQTHDAGNPIKDNTGIPILTCDIWE
HAYYIDYRNDRASYVKAWWNLVNWNFANENLKKAMKK
;
_entity_poly.pdbx_strand_id   A,B
#
loop_
_chem_comp.id
_chem_comp.type
_chem_comp.name
_chem_comp.formula
FE2 non-polymer 'FE (II) ION' 'Fe 2'
#
# COMPACT_ATOMS: atom_id res chain seq x y z
N VAL A 1 -27.58 9.48 1.04
CA VAL A 1 -26.09 9.51 0.98
C VAL A 1 -25.44 8.72 2.11
N ILE A 2 -24.32 8.08 1.80
CA ILE A 2 -23.52 7.34 2.78
C ILE A 2 -22.84 8.33 3.72
N THR A 3 -22.79 8.00 5.01
CA THR A 3 -22.11 8.86 5.98
C THR A 3 -21.02 8.10 6.71
N LEU A 4 -20.15 8.87 7.35
CA LEU A 4 -19.03 8.37 8.11
C LEU A 4 -19.47 8.14 9.56
N PRO A 5 -19.53 6.88 10.01
CA PRO A 5 -19.96 6.61 11.38
C PRO A 5 -19.01 7.25 12.37
N LYS A 6 -19.56 7.78 13.47
CA LYS A 6 -18.74 8.36 14.51
C LYS A 6 -17.80 7.32 15.13
N LEU A 7 -16.62 7.78 15.52
CA LEU A 7 -15.77 7.08 16.45
C LEU A 7 -16.49 6.98 17.80
N LYS A 8 -16.28 5.87 18.49
CA LYS A 8 -16.84 5.66 19.81
C LYS A 8 -15.95 6.26 20.91
N TYR A 9 -14.92 6.99 20.49
CA TYR A 9 -13.93 7.54 21.40
C TYR A 9 -13.27 8.78 20.80
N ALA A 10 -12.58 9.54 21.64
CA ALA A 10 -11.88 10.77 21.22
C ALA A 10 -10.67 10.43 20.35
N LEU A 11 -10.17 11.41 19.61
CA LEU A 11 -9.07 11.22 18.65
C LEU A 11 -7.78 10.82 19.33
N ASN A 12 -7.60 11.25 20.58
CA ASN A 12 -6.43 10.90 21.39
C ASN A 12 -6.59 9.65 22.29
N ALA A 13 -7.70 8.93 22.14
CA ALA A 13 -8.04 7.87 23.09
C ALA A 13 -7.16 6.65 22.96
N LEU A 14 -6.53 6.49 21.79
CA LEU A 14 -5.69 5.32 21.54
C LEU A 14 -4.21 5.60 21.82
N SER A 15 -3.91 6.84 22.21
CA SER A 15 -2.53 7.27 22.45
C SER A 15 -1.97 6.56 23.70
N PRO A 16 -0.67 6.27 23.77
CA PRO A 16 0.33 6.53 22.70
C PRO A 16 0.50 5.41 21.64
N HIS A 17 -0.27 4.34 21.74
CA HIS A 17 -0.18 3.20 20.84
C HIS A 17 -0.44 3.60 19.37
N ILE A 18 -1.52 4.37 19.18
CA ILE A 18 -1.77 5.08 17.94
C ILE A 18 -2.02 6.54 18.33
N SER A 19 -1.24 7.45 17.76
CA SER A 19 -1.28 8.87 18.13
C SER A 19 -2.55 9.55 17.68
N GLU A 20 -2.84 10.67 18.32
CA GLU A 20 -3.92 11.57 17.91
C GLU A 20 -3.74 12.02 16.46
N GLU A 21 -2.51 12.34 16.07
CA GLU A 21 -2.22 12.76 14.70
C GLU A 21 -2.63 11.67 13.71
N THR A 22 -2.27 10.43 14.02
CA THR A 22 -2.59 9.31 13.12
C THR A 22 -4.10 9.17 13.01
N LEU A 23 -4.78 9.19 14.14
CA LEU A 23 -6.23 9.05 14.11
C LEU A 23 -6.85 10.19 13.31
N ASN A 24 -6.28 11.38 13.44
CA ASN A 24 -6.79 12.55 12.75
C ASN A 24 -6.69 12.35 11.22
N PHE A 25 -5.53 11.96 10.74
CA PHE A 25 -5.35 11.72 9.30
C PHE A 25 -6.11 10.50 8.83
N HIS A 26 -6.02 9.39 9.57
CA HIS A 26 -6.61 8.11 9.18
C HIS A 26 -8.15 8.22 9.14
N TYR A 27 -8.74 8.90 10.11
CA TYR A 27 -10.20 9.00 10.22
C TYR A 27 -10.76 10.20 9.46
N ASN A 28 -10.30 11.40 9.78
CA ASN A 28 -10.84 12.63 9.18
C ASN A 28 -10.36 12.90 7.74
N LYS A 29 -9.27 12.25 7.30
CA LYS A 29 -8.81 12.38 5.91
C LYS A 29 -9.03 11.12 5.08
N HIS A 30 -8.40 10.00 5.45
CA HIS A 30 -8.53 8.78 4.64
C HIS A 30 -9.96 8.25 4.66
N HIS A 31 -10.49 8.00 5.85
CA HIS A 31 -11.79 7.33 5.99
C HIS A 31 -12.89 8.26 5.44
N ALA A 32 -12.80 9.53 5.82
CA ALA A 32 -13.74 10.54 5.31
C ALA A 32 -13.66 10.66 3.79
N GLY A 33 -12.44 10.53 3.25
CA GLY A 33 -12.24 10.61 1.81
C GLY A 33 -12.92 9.47 1.05
N TYR A 34 -12.89 8.27 1.61
CA TYR A 34 -13.56 7.15 0.97
C TYR A 34 -15.07 7.39 0.92
N VAL A 35 -15.63 7.95 1.98
CA VAL A 35 -17.07 8.25 2.02
C VAL A 35 -17.43 9.28 0.93
N ASN A 36 -16.68 10.36 0.87
CA ASN A 36 -16.95 11.40 -0.12
C ASN A 36 -16.85 10.86 -1.54
N LYS A 37 -15.83 10.05 -1.79
CA LYS A 37 -15.60 9.47 -3.11
C LYS A 37 -16.69 8.47 -3.50
N LEU A 38 -17.13 7.65 -2.56
CA LEU A 38 -18.14 6.65 -2.87
C LEU A 38 -19.46 7.33 -3.28
N ASN A 39 -19.84 8.36 -2.52
CA ASN A 39 -21.05 9.14 -2.81
C ASN A 39 -21.03 9.72 -4.22
N THR A 40 -19.89 10.28 -4.59
CA THR A 40 -19.66 10.71 -5.96
C THR A 40 -19.92 9.57 -6.97
N LEU A 41 -19.29 8.42 -6.75
CA LEU A 41 -19.37 7.29 -7.70
C LEU A 41 -20.72 6.59 -7.83
N ILE A 42 -21.52 6.56 -6.76
CA ILE A 42 -22.77 5.78 -6.79
C ILE A 42 -24.01 6.60 -7.17
N LYS A 43 -23.86 7.91 -7.26
CA LYS A 43 -24.88 8.78 -7.85
C LYS A 43 -25.17 8.28 -9.28
N ASP A 44 -26.44 8.04 -9.60
CA ASP A 44 -26.86 7.53 -10.92
C ASP A 44 -26.52 6.05 -11.18
N THR A 45 -26.42 5.25 -10.13
CA THR A 45 -26.18 3.81 -10.28
C THR A 45 -27.27 3.03 -9.57
N PRO A 46 -27.40 1.74 -9.87
CA PRO A 46 -28.22 0.86 -9.03
C PRO A 46 -27.76 0.80 -7.56
N PHE A 47 -26.59 1.36 -7.22
CA PHE A 47 -26.04 1.32 -5.85
C PHE A 47 -26.43 2.53 -4.99
N ALA A 48 -26.97 3.57 -5.61
CA ALA A 48 -27.25 4.83 -4.93
C ALA A 48 -28.05 4.74 -3.63
N GLU A 49 -28.97 3.78 -3.53
CA GLU A 49 -29.86 3.69 -2.35
C GLU A 49 -29.71 2.38 -1.59
N LYS A 50 -28.58 1.72 -1.74
CA LYS A 50 -28.32 0.45 -1.07
C LYS A 50 -27.43 0.66 0.15
N SER A 51 -27.48 -0.30 1.07
CA SER A 51 -26.65 -0.26 2.25
C SER A 51 -25.19 -0.40 1.82
N LEU A 52 -24.31 0.08 2.67
CA LEU A 52 -22.89 -0.05 2.44
C LEU A 52 -22.52 -1.50 2.19
N LEU A 53 -23.00 -2.40 3.06
CA LEU A 53 -22.66 -3.81 2.94
C LEU A 53 -23.23 -4.43 1.67
N ASP A 54 -24.42 -4.01 1.26
CA ASP A 54 -24.94 -4.48 -0.02
C ASP A 54 -24.05 -4.02 -1.18
N ILE A 55 -23.53 -2.79 -1.12
CA ILE A 55 -22.58 -2.30 -2.13
C ILE A 55 -21.27 -3.11 -2.11
N VAL A 56 -20.77 -3.41 -0.93
CA VAL A 56 -19.55 -4.21 -0.79
C VAL A 56 -19.79 -5.54 -1.51
N LYS A 57 -20.90 -6.20 -1.20
CA LYS A 57 -21.23 -7.54 -1.74
C LYS A 57 -21.51 -7.56 -3.25
N GLU A 58 -22.00 -6.46 -3.80
CA GLU A 58 -22.51 -6.50 -5.17
C GLU A 58 -21.62 -5.79 -6.19
N SER A 59 -20.75 -4.88 -5.73
CA SER A 59 -19.98 -4.02 -6.63
C SER A 59 -18.59 -4.57 -6.98
N SER A 60 -17.93 -3.91 -7.91
CA SER A 60 -16.50 -4.13 -8.20
C SER A 60 -15.85 -2.80 -8.60
N GLY A 61 -14.57 -2.84 -8.98
CA GLY A 61 -13.85 -1.65 -9.40
C GLY A 61 -13.74 -0.61 -8.31
N ALA A 62 -13.80 0.67 -8.69
CA ALA A 62 -13.64 1.78 -7.76
C ALA A 62 -14.76 1.86 -6.71
N ILE A 63 -15.96 1.45 -7.09
CA ILE A 63 -17.10 1.48 -6.15
C ILE A 63 -16.84 0.51 -5.02
N PHE A 64 -16.39 -0.70 -5.35
CA PHE A 64 -16.04 -1.69 -4.33
C PHE A 64 -14.90 -1.16 -3.44
N ASN A 65 -13.84 -0.66 -4.07
CA ASN A 65 -12.67 -0.21 -3.33
C ASN A 65 -13.04 0.80 -2.24
N ASN A 66 -13.80 1.82 -2.61
CA ASN A 66 -14.21 2.85 -1.68
C ASN A 66 -15.21 2.34 -0.64
N ALA A 67 -16.18 1.54 -1.09
CA ALA A 67 -17.19 0.99 -0.20
C ALA A 67 -16.58 0.06 0.84
N ALA A 68 -15.75 -0.88 0.39
CA ALA A 68 -15.11 -1.82 1.30
C ALA A 68 -14.17 -1.13 2.27
N GLN A 69 -13.46 -0.10 1.80
CA GLN A 69 -12.59 0.68 2.67
C GLN A 69 -13.37 1.40 3.77
N ILE A 70 -14.55 1.91 3.44
CA ILE A 70 -15.39 2.58 4.43
C ILE A 70 -15.77 1.54 5.47
N TRP A 71 -16.25 0.39 5.01
CA TRP A 71 -16.67 -0.69 5.89
C TRP A 71 -15.52 -1.22 6.73
N ASN A 72 -14.36 -1.47 6.11
CA ASN A 72 -13.21 -2.01 6.81
C ASN A 72 -12.71 -1.02 7.85
N HIS A 73 -12.75 0.26 7.53
CA HIS A 73 -12.26 1.28 8.46
C HIS A 73 -13.13 1.37 9.70
N THR A 74 -14.43 1.28 9.51
CA THR A 74 -15.36 1.34 10.64
C THR A 74 -15.16 0.13 11.55
N PHE A 75 -14.97 -1.02 10.93
CA PHE A 75 -14.72 -2.26 11.67
C PHE A 75 -13.42 -2.20 12.48
N TYR A 76 -12.43 -1.53 11.91
CA TYR A 76 -11.14 -1.30 12.53
C TYR A 76 -11.25 -0.38 13.77
N TRP A 77 -11.97 0.73 13.65
CA TRP A 77 -12.14 1.65 14.79
C TRP A 77 -12.92 0.98 15.92
N ASP A 78 -13.96 0.24 15.56
CA ASP A 78 -14.73 -0.54 16.52
C ASP A 78 -13.96 -1.74 17.13
N SER A 79 -12.93 -2.21 16.43
CA SER A 79 -12.08 -3.28 16.92
C SER A 79 -11.11 -2.79 18.00
N MET A 80 -11.12 -1.48 18.28
CA MET A 80 -10.21 -0.87 19.24
C MET A 80 -10.95 -0.03 20.26
N GLY A 81 -10.21 0.47 21.24
CA GLY A 81 -10.75 1.41 22.20
C GLY A 81 -9.84 1.69 23.39
N PRO A 82 -10.21 2.70 24.18
CA PRO A 82 -9.44 3.04 25.38
C PRO A 82 -9.77 2.05 26.50
N ASP A 83 -8.82 1.78 27.37
CA ASP A 83 -9.00 0.84 28.49
C ASP A 83 -9.54 -0.51 28.01
N CYS A 84 -9.01 -0.94 26.88
CA CYS A 84 -9.25 -2.26 26.32
C CYS A 84 -7.90 -2.99 26.32
N GLY A 85 -7.67 -3.85 25.33
CA GLY A 85 -6.43 -4.59 25.26
C GLY A 85 -6.38 -5.67 26.32
N GLY A 86 -5.18 -6.16 26.56
CA GLY A 86 -4.95 -7.19 27.55
C GLY A 86 -5.53 -8.51 27.06
N GLU A 87 -5.86 -9.38 28.02
CA GLU A 87 -6.34 -10.73 27.69
C GLU A 87 -7.79 -10.66 27.27
N PRO A 88 -8.22 -11.55 26.37
CA PRO A 88 -9.64 -11.63 26.01
C PRO A 88 -10.49 -12.11 27.20
N HIS A 89 -11.78 -11.80 27.15
CA HIS A 89 -12.72 -12.27 28.15
C HIS A 89 -14.01 -12.70 27.48
N GLY A 90 -14.81 -13.47 28.20
CA GLY A 90 -16.08 -13.94 27.71
C GLY A 90 -15.88 -15.02 26.67
N GLU A 91 -16.85 -15.11 25.77
CA GLU A 91 -16.91 -16.22 24.84
C GLU A 91 -15.70 -16.25 23.88
N ILE A 92 -15.23 -15.08 23.42
CA ILE A 92 -14.08 -15.05 22.51
C ILE A 92 -12.81 -15.60 23.16
N LYS A 93 -12.67 -15.44 24.48
CA LYS A 93 -11.56 -16.03 25.21
C LYS A 93 -11.61 -17.56 25.13
N GLU A 94 -12.77 -18.14 25.37
CA GLU A 94 -12.96 -19.58 25.25
C GLU A 94 -12.70 -20.06 23.82
N LYS A 95 -13.19 -19.32 22.84
CA LYS A 95 -13.08 -19.75 21.44
C LYS A 95 -11.63 -19.71 20.99
N ILE A 96 -10.88 -18.71 21.47
CA ILE A 96 -9.45 -18.61 21.18
C ILE A 96 -8.66 -19.75 21.84
N GLN A 97 -9.00 -20.09 23.08
CA GLN A 97 -8.37 -21.26 23.73
C GLN A 97 -8.64 -22.54 22.95
N GLU A 98 -9.86 -22.70 22.46
CA GLU A 98 -10.24 -23.89 21.70
C GLU A 98 -9.51 -24.00 20.36
N ASP A 99 -9.42 -22.88 19.62
CA ASP A 99 -8.96 -22.91 18.24
C ASP A 99 -7.48 -22.61 18.06
N PHE A 100 -6.85 -21.94 19.02
CA PHE A 100 -5.43 -21.64 18.95
C PHE A 100 -4.61 -22.23 20.12
N GLY A 101 -5.27 -22.83 21.11
CA GLY A 101 -4.60 -23.37 22.30
C GLY A 101 -4.42 -22.36 23.42
N SER A 102 -4.13 -21.12 23.03
CA SER A 102 -3.96 -20.02 23.96
C SER A 102 -4.02 -18.68 23.23
N PHE A 103 -4.23 -17.62 24.00
CA PHE A 103 -4.23 -16.27 23.48
C PHE A 103 -2.85 -15.93 22.96
N ASN A 104 -1.81 -16.26 23.73
CA ASN A 104 -0.43 -15.99 23.32
C ASN A 104 -0.10 -16.65 21.98
N ASN A 105 -0.58 -17.88 21.77
CA ASN A 105 -0.38 -18.55 20.49
C ASN A 105 -1.09 -17.78 19.38
N PHE A 106 -2.34 -17.37 19.62
CA PHE A 106 -3.07 -16.58 18.63
C PHE A 106 -2.30 -15.27 18.33
N LYS A 107 -1.81 -14.62 19.37
CA LYS A 107 -1.12 -13.34 19.25
C LYS A 107 0.14 -13.44 18.38
N GLU A 108 0.91 -14.50 18.60
CA GLU A 108 2.13 -14.74 17.85
C GLU A 108 1.84 -15.01 16.37
N GLN A 109 0.83 -15.84 16.09
CA GLN A 109 0.47 -16.19 14.73
C GLN A 109 -0.13 -14.99 13.97
N PHE A 110 -0.97 -14.22 14.64
CA PHE A 110 -1.57 -13.01 14.06
C PHE A 110 -0.50 -11.98 13.72
N SER A 111 0.41 -11.74 14.67
CA SER A 111 1.52 -10.81 14.45
C SER A 111 2.38 -11.27 13.28
N ASN A 112 2.64 -12.58 13.18
CA ASN A 112 3.43 -13.13 12.10
C ASN A 112 2.77 -12.86 10.73
N ILE A 113 1.45 -13.04 10.67
CA ILE A 113 0.72 -12.84 9.42
C ILE A 113 0.70 -11.34 9.04
N LEU A 114 0.35 -10.50 10.00
CA LEU A 114 0.31 -9.05 9.81
C LEU A 114 1.65 -8.48 9.35
N CYS A 115 2.75 -8.95 9.94
CA CYS A 115 4.09 -8.46 9.62
C CYS A 115 4.62 -8.97 8.29
N GLY A 116 4.13 -10.14 7.88
CA GLY A 116 4.58 -10.75 6.63
C GLY A 116 3.78 -10.32 5.41
N HIS A 117 2.68 -9.60 5.60
CA HIS A 117 1.86 -9.19 4.48
C HIS A 117 2.61 -8.18 3.60
N PHE A 118 2.64 -8.43 2.29
CA PHE A 118 3.29 -7.55 1.32
C PHE A 118 2.30 -6.60 0.68
N GLY A 119 2.57 -5.30 0.76
CA GLY A 119 1.70 -4.27 0.22
C GLY A 119 0.63 -3.86 1.22
N SER A 120 -0.38 -3.16 0.72
CA SER A 120 -1.49 -2.65 1.52
C SER A 120 -2.47 -3.75 1.80
N GLY A 121 -3.15 -3.68 2.94
CA GLY A 121 -4.12 -4.71 3.28
C GLY A 121 -4.55 -4.75 4.74
N TRP A 122 -5.18 -5.87 5.10
CA TRP A 122 -5.87 -6.04 6.37
C TRP A 122 -5.60 -7.43 6.95
N GLY A 123 -5.33 -7.51 8.25
CA GLY A 123 -5.37 -8.77 8.96
C GLY A 123 -6.73 -8.95 9.61
N TRP A 124 -7.24 -10.17 9.63
CA TRP A 124 -8.55 -10.48 10.21
C TRP A 124 -8.52 -11.65 11.17
N LEU A 125 -9.25 -11.52 12.26
CA LEU A 125 -9.70 -12.66 13.01
C LEU A 125 -11.11 -12.88 12.51
N ALA A 126 -11.40 -14.08 12.07
CA ALA A 126 -12.69 -14.36 11.44
C ALA A 126 -13.18 -15.71 11.89
N LEU A 127 -14.50 -15.88 11.91
CA LEU A 127 -15.07 -17.21 12.06
C LEU A 127 -15.27 -17.80 10.68
N ASN A 128 -14.52 -18.85 10.36
CA ASN A 128 -14.64 -19.52 9.06
C ASN A 128 -15.96 -20.29 8.92
N ASN A 129 -16.15 -20.95 7.78
CA ASN A 129 -17.44 -21.56 7.47
C ASN A 129 -17.59 -22.97 8.09
N ASN A 130 -16.62 -23.33 8.91
CA ASN A 130 -16.59 -24.55 9.70
C ASN A 130 -16.64 -24.18 11.19
N ASN A 131 -17.08 -22.96 11.49
CA ASN A 131 -17.25 -22.51 12.86
C ASN A 131 -15.96 -22.54 13.69
N LYS A 132 -14.85 -22.26 13.03
CA LYS A 132 -13.53 -22.23 13.64
C LYS A 132 -12.94 -20.86 13.43
N LEU A 133 -12.35 -20.29 14.47
CA LEU A 133 -11.61 -19.03 14.33
C LEU A 133 -10.38 -19.27 13.50
N VAL A 134 -10.14 -18.36 12.56
CA VAL A 134 -8.95 -18.36 11.75
C VAL A 134 -8.42 -16.94 11.55
N ILE A 135 -7.17 -16.88 11.12
CA ILE A 135 -6.52 -15.63 10.76
C ILE A 135 -6.54 -15.53 9.23
N LEU A 136 -7.08 -14.42 8.72
CA LEU A 136 -7.02 -14.14 7.29
C LEU A 136 -6.26 -12.84 7.01
N GLN A 137 -5.66 -12.76 5.84
CA GLN A 137 -5.10 -11.52 5.35
C GLN A 137 -5.74 -11.23 4.00
N THR A 138 -6.14 -9.97 3.80
CA THR A 138 -6.63 -9.50 2.51
C THR A 138 -5.76 -8.37 2.00
N HIS A 139 -5.78 -8.21 0.68
CA HIS A 139 -4.99 -7.20 0.01
CA HIS A 139 -4.99 -7.19 -0.01
C HIS A 139 -5.86 -6.00 -0.34
N ASP A 140 -5.32 -4.80 -0.15
CA ASP A 140 -5.97 -3.56 -0.55
C ASP A 140 -7.31 -3.38 0.20
N ALA A 141 -8.44 -3.38 -0.50
CA ALA A 141 -9.75 -3.19 0.14
C ALA A 141 -10.49 -4.50 0.41
N GLY A 142 -9.83 -5.62 0.14
CA GLY A 142 -10.49 -6.90 0.24
C GLY A 142 -10.95 -7.22 1.65
N ASN A 143 -12.04 -7.97 1.74
CA ASN A 143 -12.46 -8.49 3.03
C ASN A 143 -13.23 -9.82 2.95
N PRO A 144 -13.21 -10.56 4.05
CA PRO A 144 -13.78 -11.91 4.08
C PRO A 144 -15.24 -12.02 3.70
N ILE A 145 -16.04 -10.96 3.88
CA ILE A 145 -17.44 -10.99 3.50
C ILE A 145 -17.56 -11.12 1.98
N LYS A 146 -16.83 -10.28 1.25
CA LYS A 146 -16.81 -10.34 -0.21
C LYS A 146 -16.26 -11.67 -0.69
N ASP A 147 -15.23 -12.17 0.01
CA ASP A 147 -14.55 -13.41 -0.38
C ASP A 147 -15.35 -14.68 0.01
N ASN A 148 -16.36 -14.53 0.87
CA ASN A 148 -17.09 -15.65 1.46
C ASN A 148 -16.21 -16.64 2.24
N THR A 149 -15.13 -16.13 2.82
CA THR A 149 -14.17 -16.96 3.56
C THR A 149 -14.46 -16.96 5.07
N GLY A 150 -15.34 -16.09 5.54
CA GLY A 150 -15.66 -16.02 6.95
C GLY A 150 -16.36 -14.75 7.40
N ILE A 151 -16.78 -14.77 8.65
CA ILE A 151 -17.40 -13.63 9.29
C ILE A 151 -16.37 -12.89 10.15
N PRO A 152 -16.05 -11.65 9.79
CA PRO A 152 -15.13 -10.82 10.57
C PRO A 152 -15.49 -10.68 12.07
N ILE A 153 -14.45 -10.83 12.90
CA ILE A 153 -14.54 -10.68 14.34
C ILE A 153 -13.75 -9.45 14.81
N LEU A 154 -12.52 -9.31 14.29
CA LEU A 154 -11.67 -8.14 14.50
C LEU A 154 -10.82 -7.89 13.27
N THR A 155 -10.37 -6.66 13.07
CA THR A 155 -9.41 -6.36 12.00
C THR A 155 -8.31 -5.40 12.46
N CYS A 156 -7.13 -5.55 11.85
CA CYS A 156 -6.04 -4.61 12.03
C CYS A 156 -5.57 -4.15 10.63
N ASP A 157 -5.64 -2.85 10.41
CA ASP A 157 -5.18 -2.20 9.18
C ASP A 157 -3.67 -2.20 9.11
N ILE A 158 -3.11 -2.67 8.00
CA ILE A 158 -1.66 -2.62 7.80
C ILE A 158 -1.25 -1.88 6.50
N TRP A 159 -2.16 -1.11 5.92
CA TRP A 159 -1.78 -0.06 4.98
C TRP A 159 -0.77 0.81 5.72
N GLU A 160 0.23 1.31 5.02
CA GLU A 160 1.29 2.11 5.66
C GLU A 160 0.79 3.35 6.40
N HIS A 161 -0.29 3.96 5.94
CA HIS A 161 -0.86 5.15 6.59
C HIS A 161 -1.37 4.89 8.00
N ALA A 162 -1.67 3.63 8.31
CA ALA A 162 -2.12 3.24 9.64
C ALA A 162 -1.03 3.44 10.70
N TYR A 163 0.23 3.38 10.30
CA TYR A 163 1.32 3.44 11.25
C TYR A 163 2.51 4.34 10.91
N TYR A 164 2.60 4.87 9.69
CA TYR A 164 3.87 5.46 9.26
C TYR A 164 4.28 6.71 10.06
N ILE A 165 3.30 7.47 10.54
CA ILE A 165 3.56 8.66 11.37
C ILE A 165 4.23 8.29 12.69
N ASP A 166 3.76 7.21 13.31
CA ASP A 166 4.19 6.84 14.67
C ASP A 166 5.36 5.87 14.66
N TYR A 167 5.43 5.04 13.63
CA TYR A 167 6.36 3.91 13.60
C TYR A 167 7.24 3.86 12.35
N ARG A 168 6.98 4.73 11.38
CA ARG A 168 7.66 4.68 10.08
C ARG A 168 7.56 3.26 9.50
N ASN A 169 8.69 2.68 9.10
CA ASN A 169 8.75 1.36 8.49
C ASN A 169 8.54 0.21 9.47
N ASP A 170 8.59 0.50 10.77
CA ASP A 170 8.56 -0.51 11.82
C ASP A 170 7.12 -0.98 12.12
N ARG A 171 6.58 -1.78 11.21
CA ARG A 171 5.23 -2.29 11.34
C ARG A 171 5.09 -3.23 12.53
N ALA A 172 6.18 -3.92 12.87
CA ALA A 172 6.15 -4.86 14.00
C ALA A 172 5.83 -4.17 15.33
N SER A 173 6.38 -2.98 15.55
CA SER A 173 6.05 -2.19 16.76
C SER A 173 4.61 -1.64 16.76
N TYR A 174 4.09 -1.32 15.59
CA TYR A 174 2.68 -0.93 15.44
C TYR A 174 1.79 -2.09 15.89
N VAL A 175 2.10 -3.28 15.42
CA VAL A 175 1.35 -4.49 15.75
C VAL A 175 1.44 -4.80 17.24
N LYS A 176 2.65 -4.72 17.78
CA LYS A 176 2.88 -4.93 19.20
C LYS A 176 1.98 -3.98 20.00
N ALA A 177 1.92 -2.71 19.59
CA ALA A 177 1.19 -1.69 20.33
C ALA A 177 -0.32 -1.85 20.18
N TRP A 178 -0.75 -2.36 19.02
CA TRP A 178 -2.17 -2.55 18.72
C TRP A 178 -2.87 -3.49 19.73
N TRP A 179 -2.12 -4.43 20.30
CA TRP A 179 -2.68 -5.35 21.31
C TRP A 179 -3.16 -4.67 22.59
N ASN A 180 -2.64 -3.49 22.87
CA ASN A 180 -3.14 -2.67 23.98
C ASN A 180 -4.46 -2.01 23.72
N LEU A 181 -4.94 -2.07 22.48
CA LEU A 181 -6.12 -1.35 22.04
C LEU A 181 -7.29 -2.26 21.68
N VAL A 182 -7.03 -3.56 21.47
CA VAL A 182 -8.08 -4.48 21.01
C VAL A 182 -9.31 -4.50 21.90
N ASN A 183 -10.48 -4.34 21.28
CA ASN A 183 -11.75 -4.26 21.96
C ASN A 183 -12.40 -5.64 21.88
N TRP A 184 -12.27 -6.39 22.97
CA TRP A 184 -12.79 -7.75 23.06
C TRP A 184 -14.31 -7.79 23.15
N ASN A 185 -14.89 -6.68 23.63
CA ASN A 185 -16.33 -6.55 23.68
C ASN A 185 -16.95 -6.56 22.27
N PHE A 186 -16.29 -5.87 21.33
CA PHE A 186 -16.69 -5.90 19.93
C PHE A 186 -16.49 -7.29 19.30
N ALA A 187 -15.41 -7.97 19.66
CA ALA A 187 -15.19 -9.34 19.18
C ALA A 187 -16.31 -10.28 19.66
N ASN A 188 -16.73 -10.13 20.93
CA ASN A 188 -17.81 -10.95 21.48
C ASN A 188 -19.13 -10.68 20.79
N GLU A 189 -19.40 -9.41 20.48
CA GLU A 189 -20.59 -9.02 19.73
C GLU A 189 -20.63 -9.71 18.37
N ASN A 190 -19.49 -9.71 17.70
CA ASN A 190 -19.36 -10.29 16.39
C ASN A 190 -19.44 -11.81 16.44
N LEU A 191 -18.83 -12.41 17.46
CA LEU A 191 -18.87 -13.87 17.63
C LEU A 191 -20.31 -14.35 17.78
N LYS A 192 -21.08 -13.65 18.61
CA LYS A 192 -22.47 -14.03 18.90
C LYS A 192 -23.32 -13.95 17.64
N LYS A 193 -23.19 -12.84 16.92
CA LYS A 193 -23.84 -12.66 15.63
C LYS A 193 -23.43 -13.76 14.65
N ALA A 194 -22.15 -14.12 14.66
CA ALA A 194 -21.61 -15.09 13.70
C ALA A 194 -22.13 -16.51 13.95
N MET A 195 -22.39 -16.82 15.23
CA MET A 195 -22.76 -18.16 15.66
C MET A 195 -24.27 -18.37 15.75
N LYS A 196 -25.06 -17.34 15.46
CA LYS A 196 -26.52 -17.42 15.53
C LYS A 196 -27.12 -17.82 14.16
N VAL B 1 26.23 -12.49 -3.54
CA VAL B 1 25.06 -11.81 -2.92
C VAL B 1 24.69 -10.51 -3.66
N ILE B 2 23.38 -10.26 -3.74
CA ILE B 2 22.84 -9.03 -4.34
C ILE B 2 23.17 -7.84 -3.43
N THR B 3 23.59 -6.73 -4.03
CA THR B 3 23.91 -5.51 -3.29
C THR B 3 22.97 -4.37 -3.66
N LEU B 4 23.02 -3.32 -2.85
CA LEU B 4 22.19 -2.14 -3.02
C LEU B 4 22.97 -1.12 -3.85
N PRO B 5 22.50 -0.80 -5.06
CA PRO B 5 23.16 0.23 -5.85
C PRO B 5 23.14 1.59 -5.16
N LYS B 6 24.28 2.26 -5.24
CA LYS B 6 24.42 3.60 -4.69
C LYS B 6 23.49 4.57 -5.42
N LEU B 7 22.93 5.49 -4.65
CA LEU B 7 22.28 6.68 -5.18
C LEU B 7 23.31 7.50 -5.99
N LYS B 8 22.86 8.14 -7.07
CA LYS B 8 23.72 9.01 -7.86
C LYS B 8 23.84 10.42 -7.26
N TYR B 9 23.18 10.65 -6.14
CA TYR B 9 23.17 11.97 -5.50
C TYR B 9 23.01 11.80 -3.98
N ALA B 10 23.21 12.87 -3.23
CA ALA B 10 23.09 12.85 -1.79
C ALA B 10 21.62 12.71 -1.34
N LEU B 11 21.43 12.33 -0.07
CA LEU B 11 20.10 12.07 0.47
C LEU B 11 19.23 13.33 0.53
N ASN B 12 19.87 14.49 0.57
CA ASN B 12 19.17 15.78 0.59
C ASN B 12 18.94 16.39 -0.80
N ALA B 13 19.43 15.71 -1.84
CA ALA B 13 19.48 16.30 -3.19
C ALA B 13 18.11 16.55 -3.82
N LEU B 14 17.08 15.84 -3.37
CA LEU B 14 15.73 16.04 -3.88
C LEU B 14 14.86 17.01 -3.06
N SER B 15 15.39 17.57 -1.97
CA SER B 15 14.58 18.46 -1.12
C SER B 15 14.37 19.82 -1.79
N PRO B 16 13.27 20.52 -1.48
CA PRO B 16 12.26 20.08 -0.51
C PRO B 16 11.14 19.22 -1.12
N HIS B 17 11.26 18.83 -2.39
CA HIS B 17 10.21 18.08 -3.07
C HIS B 17 10.02 16.67 -2.45
N ILE B 18 11.12 16.00 -2.14
CA ILE B 18 11.15 14.86 -1.25
C ILE B 18 12.26 15.13 -0.22
N SER B 19 11.91 15.03 1.05
CA SER B 19 12.83 15.36 2.14
C SER B 19 13.98 14.36 2.27
N GLU B 20 15.04 14.81 2.91
CA GLU B 20 16.18 13.96 3.23
C GLU B 20 15.78 12.85 4.17
N GLU B 21 14.88 13.13 5.11
CA GLU B 21 14.37 12.09 6.01
C GLU B 21 13.68 10.98 5.20
N THR B 22 12.84 11.38 4.26
CA THR B 22 12.17 10.42 3.41
C THR B 22 13.18 9.54 2.68
N LEU B 23 14.19 10.14 2.05
CA LEU B 23 15.18 9.37 1.29
C LEU B 23 15.96 8.45 2.23
N ASN B 24 16.16 8.90 3.46
CA ASN B 24 16.88 8.13 4.46
C ASN B 24 16.14 6.85 4.81
N PHE B 25 14.87 6.99 5.15
CA PHE B 25 14.06 5.82 5.47
C PHE B 25 13.81 4.99 4.21
N HIS B 26 13.47 5.64 3.12
CA HIS B 26 13.09 4.95 1.88
C HIS B 26 14.28 4.14 1.33
N TYR B 27 15.46 4.74 1.32
CA TYR B 27 16.66 4.07 0.82
C TYR B 27 17.27 3.11 1.83
N ASN B 28 17.57 3.62 3.02
CA ASN B 28 18.31 2.86 4.04
C ASN B 28 17.51 1.85 4.86
N LYS B 29 16.19 1.96 4.87
CA LYS B 29 15.36 0.95 5.52
C LYS B 29 14.63 0.09 4.51
N HIS B 30 13.80 0.70 3.66
CA HIS B 30 12.94 -0.07 2.75
C HIS B 30 13.77 -0.75 1.67
N HIS B 31 14.51 0.05 0.92
CA HIS B 31 15.26 -0.44 -0.23
C HIS B 31 16.38 -1.39 0.24
N ALA B 32 17.14 -0.99 1.25
CA ALA B 32 18.16 -1.87 1.86
C ALA B 32 17.52 -3.14 2.44
N GLY B 33 16.35 -3.00 3.04
CA GLY B 33 15.58 -4.13 3.56
C GLY B 33 15.18 -5.16 2.51
N TYR B 34 14.79 -4.73 1.32
CA TYR B 34 14.48 -5.65 0.24
C TYR B 34 15.73 -6.45 -0.15
N VAL B 35 16.88 -5.80 -0.11
CA VAL B 35 18.15 -6.44 -0.47
C VAL B 35 18.50 -7.52 0.55
N ASN B 36 18.45 -7.17 1.83
CA ASN B 36 18.75 -8.12 2.89
CA ASN B 36 18.69 -8.08 2.96
C ASN B 36 17.80 -9.31 2.86
N LYS B 37 16.52 -9.04 2.68
CA LYS B 37 15.52 -10.12 2.66
C LYS B 37 15.72 -11.05 1.47
N LEU B 38 15.93 -10.48 0.28
CA LEU B 38 16.13 -11.29 -0.91
C LEU B 38 17.32 -12.23 -0.72
N ASN B 39 18.42 -11.70 -0.20
CA ASN B 39 19.61 -12.50 0.01
C ASN B 39 19.34 -13.69 0.93
N THR B 40 18.57 -13.49 1.99
CA THR B 40 18.20 -14.62 2.86
C THR B 40 17.32 -15.62 2.11
N LEU B 41 16.40 -15.12 1.30
CA LEU B 41 15.47 -15.97 0.56
C LEU B 41 16.08 -16.83 -0.56
N ILE B 42 17.08 -16.30 -1.27
CA ILE B 42 17.67 -17.03 -2.41
C ILE B 42 18.91 -17.88 -2.06
N LYS B 43 19.44 -17.76 -0.85
CA LYS B 43 20.50 -18.65 -0.35
C LYS B 43 20.09 -20.12 -0.50
N ASP B 44 20.99 -20.96 -1.05
CA ASP B 44 20.67 -22.37 -1.34
C ASP B 44 19.41 -22.56 -2.23
N THR B 45 19.19 -21.65 -3.18
CA THR B 45 18.20 -21.86 -4.26
C THR B 45 18.92 -21.71 -5.60
N PRO B 46 18.30 -22.14 -6.70
CA PRO B 46 18.85 -21.86 -8.05
C PRO B 46 19.06 -20.35 -8.34
N PHE B 47 18.34 -19.48 -7.64
CA PHE B 47 18.45 -18.04 -7.81
C PHE B 47 19.70 -17.46 -7.19
N ALA B 48 20.36 -18.25 -6.34
CA ALA B 48 21.54 -17.83 -5.59
C ALA B 48 22.62 -17.11 -6.41
N GLU B 49 22.87 -17.54 -7.63
CA GLU B 49 23.96 -16.94 -8.42
C GLU B 49 23.48 -16.29 -9.72
N LYS B 50 22.21 -15.89 -9.75
CA LYS B 50 21.60 -15.26 -10.93
C LYS B 50 21.47 -13.75 -10.73
N SER B 51 21.28 -13.02 -11.81
CA SER B 51 21.21 -11.56 -11.74
C SER B 51 19.84 -11.13 -11.24
N LEU B 52 19.74 -9.90 -10.77
CA LEU B 52 18.50 -9.37 -10.24
C LEU B 52 17.39 -9.42 -11.29
N LEU B 53 17.68 -9.04 -12.53
CA LEU B 53 16.69 -9.08 -13.59
C LEU B 53 16.22 -10.49 -13.92
N ASP B 54 17.16 -11.42 -13.99
CA ASP B 54 16.81 -12.84 -14.14
C ASP B 54 15.87 -13.29 -13.02
N ILE B 55 16.19 -12.91 -11.78
CA ILE B 55 15.35 -13.25 -10.64
C ILE B 55 13.97 -12.61 -10.78
N VAL B 56 13.93 -11.33 -11.13
CA VAL B 56 12.67 -10.61 -11.37
C VAL B 56 11.78 -11.37 -12.38
N LYS B 57 12.36 -11.76 -13.51
CA LYS B 57 11.61 -12.44 -14.58
C LYS B 57 11.16 -13.84 -14.17
N GLU B 58 12.05 -14.62 -13.57
CA GLU B 58 11.83 -16.04 -13.37
C GLU B 58 11.17 -16.41 -12.03
N SER B 59 11.20 -15.51 -11.05
CA SER B 59 10.71 -15.84 -9.71
C SER B 59 9.22 -15.55 -9.53
N SER B 60 8.70 -16.04 -8.41
CA SER B 60 7.37 -15.71 -7.93
C SER B 60 7.41 -15.53 -6.42
N GLY B 61 6.28 -15.13 -5.85
CA GLY B 61 6.13 -15.07 -4.41
C GLY B 61 6.99 -14.01 -3.76
N ALA B 62 7.52 -14.33 -2.58
CA ALA B 62 8.28 -13.40 -1.79
C ALA B 62 9.62 -13.06 -2.44
N ILE B 63 10.23 -14.03 -3.10
CA ILE B 63 11.47 -13.76 -3.83
C ILE B 63 11.20 -12.71 -4.91
N PHE B 64 10.13 -12.87 -5.68
CA PHE B 64 9.74 -11.87 -6.67
C PHE B 64 9.50 -10.49 -6.07
N ASN B 65 8.66 -10.43 -5.04
CA ASN B 65 8.30 -9.17 -4.40
C ASN B 65 9.55 -8.40 -4.00
N ASN B 66 10.50 -9.10 -3.39
CA ASN B 66 11.72 -8.46 -2.92
C ASN B 66 12.67 -8.10 -4.07
N ALA B 67 12.88 -9.02 -5.00
CA ALA B 67 13.75 -8.75 -6.17
C ALA B 67 13.22 -7.57 -6.98
N ALA B 68 11.94 -7.60 -7.33
CA ALA B 68 11.34 -6.54 -8.16
C ALA B 68 11.35 -5.19 -7.45
N GLN B 69 11.11 -5.18 -6.14
CA GLN B 69 11.22 -3.93 -5.38
C GLN B 69 12.64 -3.36 -5.39
N ILE B 70 13.66 -4.22 -5.42
CA ILE B 70 15.04 -3.70 -5.48
C ILE B 70 15.26 -2.99 -6.79
N TRP B 71 14.86 -3.66 -7.87
CA TRP B 71 15.03 -3.12 -9.22
C TRP B 71 14.18 -1.86 -9.44
N ASN B 72 12.94 -1.89 -8.98
CA ASN B 72 12.02 -0.76 -9.14
C ASN B 72 12.54 0.48 -8.41
N HIS B 73 13.05 0.28 -7.20
CA HIS B 73 13.58 1.38 -6.38
C HIS B 73 14.80 2.03 -6.99
N THR B 74 15.70 1.24 -7.54
CA THR B 74 16.85 1.76 -8.25
C THR B 74 16.44 2.56 -9.47
N PHE B 75 15.49 2.04 -10.23
CA PHE B 75 14.99 2.74 -11.40
C PHE B 75 14.31 4.07 -11.01
N TYR B 76 13.67 4.06 -9.84
CA TYR B 76 13.02 5.26 -9.28
C TYR B 76 14.01 6.34 -8.88
N TRP B 77 15.06 5.98 -8.14
CA TRP B 77 16.07 6.95 -7.76
C TRP B 77 16.77 7.53 -8.98
N ASP B 78 17.07 6.69 -9.96
CA ASP B 78 17.73 7.08 -11.19
C ASP B 78 16.79 7.89 -12.12
N SER B 79 15.48 7.76 -11.89
CA SER B 79 14.48 8.54 -12.63
C SER B 79 14.33 9.99 -12.10
N MET B 80 15.08 10.33 -11.04
CA MET B 80 15.08 11.67 -10.47
C MET B 80 16.51 12.18 -10.31
N GLY B 81 16.61 13.45 -9.91
CA GLY B 81 17.89 14.07 -9.65
C GLY B 81 17.74 15.53 -9.21
N PRO B 82 18.82 16.12 -8.67
CA PRO B 82 18.82 17.54 -8.30
C PRO B 82 18.92 18.39 -9.56
N ASP B 83 18.43 19.62 -9.55
CA ASP B 83 18.44 20.49 -10.75
C ASP B 83 18.00 19.79 -12.05
N CYS B 84 16.96 18.97 -11.92
CA CYS B 84 16.33 18.28 -13.03
C CYS B 84 14.90 18.84 -13.09
N GLY B 85 13.96 18.02 -13.52
CA GLY B 85 12.55 18.39 -13.54
C GLY B 85 12.20 19.34 -14.64
N GLY B 86 11.07 20.03 -14.48
CA GLY B 86 10.63 21.02 -15.44
C GLY B 86 10.38 20.42 -16.82
N GLU B 87 10.55 21.25 -17.84
CA GLU B 87 10.25 20.84 -19.20
C GLU B 87 11.24 19.80 -19.66
N PRO B 88 10.78 18.82 -20.45
CA PRO B 88 11.68 17.81 -20.98
C PRO B 88 12.62 18.40 -22.01
N HIS B 89 13.70 17.69 -22.34
CA HIS B 89 14.63 18.11 -23.36
C HIS B 89 15.14 16.91 -24.14
N GLY B 90 15.66 17.18 -25.33
CA GLY B 90 16.25 16.16 -26.20
C GLY B 90 15.20 15.25 -26.82
N GLU B 91 15.57 14.01 -27.01
CA GLU B 91 14.77 13.05 -27.76
C GLU B 91 13.43 12.79 -27.06
N ILE B 92 13.43 12.76 -25.71
CA ILE B 92 12.21 12.45 -24.96
C ILE B 92 11.16 13.56 -25.07
N LYS B 93 11.60 14.81 -25.17
CA LYS B 93 10.68 15.92 -25.41
C LYS B 93 9.97 15.74 -26.75
N GLU B 94 10.73 15.42 -27.78
CA GLU B 94 10.23 15.21 -29.13
C GLU B 94 9.26 14.03 -29.17
N LYS B 95 9.62 12.95 -28.48
CA LYS B 95 8.83 11.71 -28.45
C LYS B 95 7.53 11.88 -27.69
N ILE B 96 7.57 12.66 -26.62
CA ILE B 96 6.36 12.96 -25.84
C ILE B 96 5.40 13.82 -26.66
N GLN B 97 5.92 14.83 -27.37
CA GLN B 97 5.11 15.64 -28.28
C GLN B 97 4.43 14.76 -29.33
N GLU B 98 5.18 13.80 -29.87
CA GLU B 98 4.66 12.90 -30.90
C GLU B 98 3.55 12.00 -30.38
N ASP B 99 3.77 11.41 -29.21
CA ASP B 99 2.91 10.33 -28.70
C ASP B 99 1.80 10.84 -27.80
N PHE B 100 1.99 12.01 -27.19
CA PHE B 100 0.97 12.60 -26.31
C PHE B 100 0.48 13.98 -26.77
N GLY B 101 1.02 14.48 -27.86
CA GLY B 101 0.63 15.77 -28.39
C GLY B 101 1.37 16.97 -27.82
N SER B 102 1.49 16.99 -26.49
CA SER B 102 2.29 17.99 -25.79
C SER B 102 2.78 17.42 -24.44
N PHE B 103 3.77 18.07 -23.85
CA PHE B 103 4.25 17.72 -22.53
C PHE B 103 3.13 17.92 -21.51
N ASN B 104 2.36 19.00 -21.62
CA ASN B 104 1.31 19.24 -20.63
CA ASN B 104 1.26 19.26 -20.68
C ASN B 104 0.22 18.14 -20.68
N ASN B 105 -0.14 17.68 -21.89
CA ASN B 105 -1.06 16.55 -22.04
C ASN B 105 -0.49 15.33 -21.33
N PHE B 106 0.79 15.05 -21.52
CA PHE B 106 1.43 13.89 -20.89
C PHE B 106 1.48 14.04 -19.36
N LYS B 107 1.95 15.20 -18.92
CA LYS B 107 2.04 15.51 -17.50
C LYS B 107 0.71 15.31 -16.77
N GLU B 108 -0.36 15.84 -17.35
CA GLU B 108 -1.69 15.75 -16.71
C GLU B 108 -2.23 14.32 -16.73
N GLN B 109 -2.08 13.62 -17.86
CA GLN B 109 -2.50 12.23 -17.95
C GLN B 109 -1.77 11.34 -16.94
N PHE B 110 -0.45 11.47 -16.87
CA PHE B 110 0.38 10.68 -15.98
C PHE B 110 0.02 10.99 -14.51
N SER B 111 -0.15 12.26 -14.18
CA SER B 111 -0.54 12.67 -12.83
C SER B 111 -1.88 12.07 -12.43
N ASN B 112 -2.81 11.96 -13.37
CA ASN B 112 -4.12 11.40 -13.08
C ASN B 112 -4.02 9.93 -12.74
N ILE B 113 -3.16 9.22 -13.46
CA ILE B 113 -2.96 7.79 -13.23
C ILE B 113 -2.22 7.53 -11.91
N LEU B 114 -1.20 8.33 -11.62
CA LEU B 114 -0.46 8.24 -10.37
C LEU B 114 -1.38 8.53 -9.18
N CYS B 115 -2.21 9.55 -9.30
CA CYS B 115 -3.15 9.92 -8.24
C CYS B 115 -4.32 8.93 -8.13
N GLY B 116 -4.72 8.33 -9.25
CA GLY B 116 -5.87 7.44 -9.28
C GLY B 116 -5.57 6.01 -8.80
N HIS B 117 -4.30 5.66 -8.67
CA HIS B 117 -3.94 4.28 -8.40
C HIS B 117 -4.34 3.83 -6.97
N PHE B 118 -5.12 2.76 -6.85
CA PHE B 118 -5.57 2.29 -5.54
C PHE B 118 -4.62 1.27 -4.95
N GLY B 119 -4.16 1.52 -3.73
CA GLY B 119 -3.21 0.68 -3.06
C GLY B 119 -1.77 1.05 -3.41
N SER B 120 -0.87 0.12 -3.11
CA SER B 120 0.56 0.31 -3.34
C SER B 120 0.87 0.05 -4.80
N GLY B 121 1.86 0.78 -5.34
CA GLY B 121 2.20 0.60 -6.73
C GLY B 121 3.15 1.59 -7.34
N TRP B 122 3.19 1.55 -8.66
CA TRP B 122 4.13 2.31 -9.47
C TRP B 122 3.45 2.87 -10.72
N GLY B 123 3.79 4.09 -11.09
CA GLY B 123 3.52 4.58 -12.43
C GLY B 123 4.75 4.47 -13.30
N TRP B 124 4.55 4.18 -14.58
CA TRP B 124 5.66 4.01 -15.53
C TRP B 124 5.42 4.79 -16.81
N LEU B 125 6.49 5.37 -17.33
CA LEU B 125 6.55 5.73 -18.73
C LEU B 125 7.37 4.61 -19.36
N ALA B 126 6.82 3.96 -20.39
CA ALA B 126 7.47 2.86 -21.09
C ALA B 126 7.37 3.01 -22.62
N LEU B 127 8.19 2.25 -23.34
CA LEU B 127 8.13 2.18 -24.79
C LEU B 127 7.57 0.82 -25.21
N ASN B 128 6.50 0.79 -26.00
CA ASN B 128 5.93 -0.49 -26.45
C ASN B 128 6.64 -1.03 -27.70
N ASN B 129 6.28 -2.25 -28.11
CA ASN B 129 6.92 -2.90 -29.26
C ASN B 129 6.71 -2.20 -30.62
N ASN B 130 5.85 -1.17 -30.66
CA ASN B 130 5.72 -0.31 -31.82
C ASN B 130 6.47 1.03 -31.72
N ASN B 131 7.45 1.11 -30.82
CA ASN B 131 8.19 2.36 -30.55
C ASN B 131 7.28 3.55 -30.23
N LYS B 132 6.20 3.28 -29.50
CA LYS B 132 5.31 4.31 -28.99
C LYS B 132 5.43 4.36 -27.48
N LEU B 133 5.51 5.57 -26.93
CA LEU B 133 5.47 5.77 -25.49
C LEU B 133 4.07 5.50 -24.95
N VAL B 134 4.01 4.76 -23.84
CA VAL B 134 2.77 4.45 -23.15
C VAL B 134 2.90 4.73 -21.66
N ILE B 135 1.79 5.04 -21.01
CA ILE B 135 1.73 5.16 -19.57
C ILE B 135 1.21 3.82 -19.03
N LEU B 136 1.87 3.29 -18.01
CA LEU B 136 1.44 2.04 -17.36
C LEU B 136 1.43 2.23 -15.85
N GLN B 137 0.55 1.50 -15.19
CA GLN B 137 0.54 1.39 -13.74
C GLN B 137 0.63 -0.07 -13.33
N THR B 138 1.42 -0.35 -12.30
CA THR B 138 1.48 -1.69 -11.75
C THR B 138 1.23 -1.63 -10.25
N HIS B 139 0.83 -2.78 -9.72
CA HIS B 139 0.45 -2.90 -8.33
CA HIS B 139 0.44 -2.89 -8.32
C HIS B 139 1.58 -3.54 -7.55
N ASP B 140 1.75 -3.12 -6.31
CA ASP B 140 2.70 -3.71 -5.40
C ASP B 140 4.12 -3.69 -5.97
N ALA B 141 4.71 -4.84 -6.30
CA ALA B 141 6.09 -4.89 -6.79
C ALA B 141 6.15 -5.12 -8.30
N GLY B 142 4.98 -5.16 -8.94
CA GLY B 142 4.88 -5.40 -10.37
C GLY B 142 5.61 -4.36 -11.18
N ASN B 143 6.08 -4.77 -12.37
CA ASN B 143 6.71 -3.84 -13.29
C ASN B 143 6.63 -4.31 -14.74
N PRO B 144 6.81 -3.41 -15.71
CA PRO B 144 6.60 -3.76 -17.12
C PRO B 144 7.54 -4.82 -17.71
N ILE B 145 8.71 -5.02 -17.12
CA ILE B 145 9.61 -6.07 -17.58
C ILE B 145 8.99 -7.44 -17.32
N LYS B 146 8.48 -7.61 -16.10
CA LYS B 146 7.76 -8.82 -15.67
C LYS B 146 6.51 -9.09 -16.51
N ASP B 147 5.80 -8.02 -16.88
CA ASP B 147 4.53 -8.09 -17.60
C ASP B 147 4.68 -8.13 -19.13
N ASN B 148 5.86 -7.83 -19.65
CA ASN B 148 6.07 -7.68 -21.09
C ASN B 148 5.15 -6.61 -21.73
N THR B 149 4.89 -5.55 -20.98
CA THR B 149 4.02 -4.46 -21.43
C THR B 149 4.85 -3.28 -21.97
N GLY B 150 6.17 -3.34 -21.79
CA GLY B 150 7.03 -2.35 -22.44
C GLY B 150 8.37 -2.16 -21.76
N ILE B 151 9.25 -1.40 -22.42
CA ILE B 151 10.56 -1.11 -21.89
C ILE B 151 10.48 0.15 -21.02
N PRO B 152 10.79 0.03 -19.71
CA PRO B 152 10.74 1.18 -18.80
C PRO B 152 11.63 2.35 -19.20
N ILE B 153 11.10 3.56 -19.02
CA ILE B 153 11.81 4.80 -19.34
C ILE B 153 11.97 5.63 -18.07
N LEU B 154 10.87 5.76 -17.33
CA LEU B 154 10.82 6.45 -16.04
C LEU B 154 9.80 5.75 -15.12
N THR B 155 9.99 5.87 -13.81
CA THR B 155 8.98 5.42 -12.85
C THR B 155 8.80 6.39 -11.70
N CYS B 156 7.61 6.35 -11.10
CA CYS B 156 7.32 7.05 -9.85
C CYS B 156 6.67 6.09 -8.86
N ASP B 157 7.29 5.94 -7.70
CA ASP B 157 6.77 5.13 -6.59
C ASP B 157 5.59 5.87 -5.99
N ILE B 158 4.44 5.19 -5.85
CA ILE B 158 3.30 5.77 -5.14
C ILE B 158 2.85 4.91 -3.95
N TRP B 159 3.67 3.95 -3.52
CA TRP B 159 3.55 3.38 -2.17
C TRP B 159 3.51 4.54 -1.19
N GLU B 160 2.75 4.39 -0.13
CA GLU B 160 2.56 5.48 0.81
C GLU B 160 3.86 5.89 1.50
N HIS B 161 4.80 4.97 1.72
CA HIS B 161 6.06 5.34 2.38
C HIS B 161 6.89 6.33 1.54
N ALA B 162 6.66 6.37 0.23
CA ALA B 162 7.35 7.28 -0.69
C ALA B 162 7.11 8.75 -0.37
N TYR B 163 5.95 9.02 0.25
CA TYR B 163 5.48 10.39 0.46
C TYR B 163 4.87 10.68 1.82
N TYR B 164 4.57 9.68 2.64
CA TYR B 164 3.76 9.94 3.83
C TYR B 164 4.43 10.91 4.82
N ILE B 165 5.75 10.87 4.92
CA ILE B 165 6.46 11.72 5.87
C ILE B 165 6.32 13.19 5.49
N ASP B 166 6.32 13.47 4.19
CA ASP B 166 6.32 14.85 3.72
C ASP B 166 4.93 15.39 3.40
N TYR B 167 4.03 14.51 2.98
CA TYR B 167 2.73 14.90 2.40
C TYR B 167 1.54 14.23 3.05
N ARG B 168 1.80 13.27 3.95
CA ARG B 168 0.75 12.46 4.57
C ARG B 168 -0.16 11.87 3.47
N ASN B 169 -1.47 12.07 3.57
CA ASN B 169 -2.43 11.52 2.61
C ASN B 169 -2.45 12.24 1.25
N ASP B 170 -1.79 13.38 1.17
CA ASP B 170 -1.85 14.25 -0.02
C ASP B 170 -0.94 13.78 -1.14
N ARG B 171 -1.31 12.68 -1.79
CA ARG B 171 -0.49 12.13 -2.85
C ARG B 171 -0.39 13.10 -4.04
N ALA B 172 -1.45 13.86 -4.29
CA ALA B 172 -1.45 14.83 -5.39
C ALA B 172 -0.29 15.82 -5.27
N SER B 173 -0.04 16.33 -4.08
CA SER B 173 1.06 17.25 -3.83
C SER B 173 2.43 16.57 -3.99
N TYR B 174 2.51 15.31 -3.61
CA TYR B 174 3.72 14.54 -3.88
C TYR B 174 3.99 14.40 -5.37
N VAL B 175 2.96 14.04 -6.12
CA VAL B 175 3.06 13.90 -7.56
C VAL B 175 3.49 15.23 -8.22
N LYS B 176 2.92 16.32 -7.74
CA LYS B 176 3.20 17.64 -8.30
C LYS B 176 4.67 17.95 -8.07
N ALA B 177 5.11 17.74 -6.83
CA ALA B 177 6.50 17.93 -6.44
C ALA B 177 7.47 17.06 -7.24
N TRP B 178 7.04 15.83 -7.57
CA TRP B 178 7.86 14.88 -8.31
C TRP B 178 8.29 15.40 -9.71
N TRP B 179 7.43 16.19 -10.36
CA TRP B 179 7.75 16.79 -11.66
C TRP B 179 8.95 17.73 -11.61
N ASN B 180 9.24 18.29 -10.44
CA ASN B 180 10.44 19.10 -10.24
C ASN B 180 11.72 18.26 -10.14
N LEU B 181 11.56 16.94 -10.04
CA LEU B 181 12.68 16.01 -9.84
C LEU B 181 12.98 15.11 -11.03
N VAL B 182 12.06 15.01 -11.99
CA VAL B 182 12.17 14.06 -13.11
C VAL B 182 13.49 14.20 -13.85
N ASN B 183 14.20 13.09 -14.00
CA ASN B 183 15.51 13.10 -14.63
C ASN B 183 15.40 12.77 -16.12
N TRP B 184 15.28 13.82 -16.94
CA TRP B 184 15.06 13.65 -18.38
C TRP B 184 16.28 13.08 -19.10
N ASN B 185 17.47 13.30 -18.55
CA ASN B 185 18.68 12.64 -19.06
C ASN B 185 18.63 11.11 -18.96
N PHE B 186 18.12 10.59 -17.85
CA PHE B 186 17.91 9.16 -17.69
C PHE B 186 16.84 8.65 -18.67
N ALA B 187 15.78 9.44 -18.84
CA ALA B 187 14.73 9.12 -19.80
C ALA B 187 15.30 9.05 -21.21
N ASN B 188 16.16 10.01 -21.56
CA ASN B 188 16.82 10.01 -22.86
C ASN B 188 17.74 8.78 -23.04
N GLU B 189 18.59 8.47 -22.06
CA GLU B 189 19.41 7.25 -22.11
C GLU B 189 18.56 6.02 -22.38
N ASN B 190 17.44 5.91 -21.66
CA ASN B 190 16.58 4.73 -21.74
C ASN B 190 15.86 4.65 -23.08
N LEU B 191 15.40 5.79 -23.57
CA LEU B 191 14.73 5.87 -24.86
C LEU B 191 15.66 5.38 -25.96
N LYS B 192 16.89 5.89 -25.93
CA LYS B 192 17.91 5.55 -26.93
C LYS B 192 18.16 4.05 -27.01
N LYS B 193 18.37 3.42 -25.85
CA LYS B 193 18.56 1.97 -25.79
C LYS B 193 17.31 1.23 -26.28
N ALA B 194 16.15 1.74 -25.88
CA ALA B 194 14.89 1.06 -26.14
C ALA B 194 14.47 1.05 -27.61
N MET B 195 14.88 2.07 -28.37
CA MET B 195 14.45 2.22 -29.77
C MET B 195 15.18 1.25 -30.69
FE FE2 C . -6.52 2.59 6.55
FE FE2 D . 9.09 2.52 -2.26
#